data_4OVR
#
_entry.id   4OVR
#
_cell.length_a   90.314
_cell.length_b   111.362
_cell.length_c   59.546
_cell.angle_alpha   90.000
_cell.angle_beta   90.000
_cell.angle_gamma   90.000
#
_symmetry.space_group_name_H-M   'P 21 21 2'
#
loop_
_entity.id
_entity.type
_entity.pdbx_description
1 polymer 'TRAP dicarboxylate transporter, DctP subunit'
2 non-polymer 'CHLORIDE ION'
3 non-polymer 'beta-D-galactopyranuronic acid'
4 water water
#
_entity_poly.entity_id   1
_entity_poly.type   'polypeptide(L)'
_entity_poly.pdbx_seq_one_letter_code
;(MSE)HHHHHHSSGVDLGTENLYFQS(MSE)RQYRSADVQPADYPTVKAVQS(MSE)SDELNKETNGKISIKVFPNSQLG
SEKDTIEQVKLGALDFIRINSGTLNTVCPA(MSE)TVPVLPFLFRDKAH(MSE)RAVLDGPIGDEILADCASHGLVGLAF
YDSGARSFYATTPIRKLEDLKGKKIRVQQSDIWVS(MSE)(MSE)KLLGANATP(MSE)PAGEVFTGLKSGLIDGAENNW
PSYDNFHHYEAAKNYSLSEHS(MSE)APEVLLISKRVFDSFTPEEQVQVRKAAKNSVGY(MSE)RQLWDA(MSE)EISSR
EKVEKAGVEVITIDKAPFQAAVQPLYDQFVTDPKLKD(MSE)ITRIKAAQ
;
_entity_poly.pdbx_strand_id   A,B
#
# COMPACT_ATOMS: atom_id res chain seq x y z
N ARG A 24 -15.19 -4.96 -26.75
CA ARG A 24 -15.94 -3.81 -26.25
C ARG A 24 -15.21 -3.17 -25.10
N GLN A 25 -14.90 -1.89 -25.25
CA GLN A 25 -14.27 -1.13 -24.17
C GLN A 25 -15.32 -0.23 -23.54
N TYR A 26 -15.76 -0.63 -22.35
CA TYR A 26 -16.77 0.13 -21.61
C TYR A 26 -16.09 1.30 -20.94
N ARG A 27 -16.90 2.28 -20.53
CA ARG A 27 -16.38 3.53 -19.97
C ARG A 27 -16.78 3.73 -18.52
N SER A 28 -15.87 4.24 -17.71
CA SER A 28 -16.11 4.46 -16.27
C SER A 28 -15.64 5.86 -15.86
N ALA A 29 -16.34 6.47 -14.92
CA ALA A 29 -16.00 7.81 -14.39
C ALA A 29 -15.49 7.77 -12.96
N ASP A 30 -14.57 8.69 -12.63
CA ASP A 30 -14.09 8.88 -11.26
C ASP A 30 -13.65 10.35 -11.12
N VAL A 31 -14.03 10.99 -10.01
CA VAL A 31 -13.55 12.36 -9.77
C VAL A 31 -12.08 12.44 -9.34
N GLN A 32 -11.51 11.29 -8.96
CA GLN A 32 -10.15 11.24 -8.43
C GLN A 32 -9.11 11.19 -9.53
N PRO A 33 -7.85 11.53 -9.21
CA PRO A 33 -6.84 11.61 -10.27
C PRO A 33 -6.38 10.27 -10.81
N ALA A 34 -5.64 10.32 -11.91
CA ALA A 34 -5.29 9.14 -12.68
C ALA A 34 -4.54 8.05 -11.91
N ASP A 35 -3.82 8.43 -10.87
CA ASP A 35 -2.99 7.49 -10.13
C ASP A 35 -3.59 7.11 -8.77
N TYR A 36 -4.84 7.51 -8.54
CA TYR A 36 -5.48 7.30 -7.24
C TYR A 36 -5.90 5.86 -7.08
N PRO A 37 -5.93 5.37 -5.84
CA PRO A 37 -6.24 3.94 -5.64
C PRO A 37 -7.57 3.48 -6.25
N THR A 38 -8.61 4.31 -6.21
CA THR A 38 -9.89 3.91 -6.80
C THR A 38 -9.81 3.72 -8.31
N VAL A 39 -9.00 4.52 -8.98
CA VAL A 39 -8.84 4.45 -10.42
C VAL A 39 -8.02 3.19 -10.76
N LYS A 40 -6.90 2.99 -10.06
CA LYS A 40 -6.10 1.77 -10.27
C LYS A 40 -6.90 0.48 -10.01
N ALA A 41 -7.77 0.50 -9.01
CA ALA A 41 -8.60 -0.68 -8.71
C ALA A 41 -9.50 -1.05 -9.89
N VAL A 42 -10.15 -0.07 -10.49
CA VAL A 42 -11.05 -0.37 -11.61
C VAL A 42 -10.22 -0.78 -12.83
N GLN A 43 -9.04 -0.20 -13.00
CA GLN A 43 -8.14 -0.64 -14.06
C GLN A 43 -7.69 -2.09 -13.86
N SER A 44 -7.51 -2.51 -12.61
N SER A 44 -7.50 -2.51 -12.61
CA SER A 44 -7.14 -3.89 -12.31
CA SER A 44 -7.15 -3.89 -12.31
C SER A 44 -8.29 -4.84 -12.63
C SER A 44 -8.29 -4.84 -12.63
N SER A 46 -10.50 -4.26 -14.97
CA SER A 46 -10.45 -4.35 -16.43
C SER A 46 -9.43 -5.38 -16.92
N ASP A 47 -8.24 -5.34 -16.31
CA ASP A 47 -7.21 -6.28 -16.69
C ASP A 47 -7.70 -7.72 -16.48
N GLU A 48 -8.34 -7.98 -15.34
CA GLU A 48 -8.85 -9.32 -15.03
C GLU A 48 -9.88 -9.74 -16.07
N LEU A 49 -10.84 -8.86 -16.35
CA LEU A 49 -11.88 -9.18 -17.32
C LEU A 49 -11.30 -9.39 -18.70
N ASN A 50 -10.33 -8.56 -19.08
CA ASN A 50 -9.70 -8.71 -20.39
C ASN A 50 -9.08 -10.10 -20.57
N LYS A 51 -8.47 -10.58 -19.50
CA LYS A 51 -7.83 -11.89 -19.51
C LYS A 51 -8.86 -13.03 -19.56
N GLU A 52 -9.86 -12.98 -18.67
CA GLU A 52 -10.86 -14.02 -18.53
C GLU A 52 -11.78 -14.11 -19.75
N THR A 53 -12.05 -12.96 -20.39
CA THR A 53 -12.96 -12.94 -21.54
C THR A 53 -12.19 -12.93 -22.88
N ASN A 54 -10.88 -13.00 -22.81
CA ASN A 54 -10.04 -13.05 -24.00
C ASN A 54 -10.28 -11.84 -24.91
N GLY A 55 -10.32 -10.66 -24.28
CA GLY A 55 -10.43 -9.40 -25.00
C GLY A 55 -11.82 -8.85 -25.18
N LYS A 56 -12.84 -9.63 -24.81
CA LYS A 56 -14.21 -9.24 -25.09
C LYS A 56 -14.66 -8.04 -24.25
N ILE A 57 -14.22 -8.01 -22.98
CA ILE A 57 -14.64 -6.96 -22.06
C ILE A 57 -13.43 -6.28 -21.44
N SER A 58 -13.39 -4.96 -21.53
CA SER A 58 -12.44 -4.14 -20.78
C SER A 58 -13.12 -2.85 -20.41
N ILE A 59 -12.45 -2.07 -19.57
CA ILE A 59 -13.00 -0.83 -19.02
C ILE A 59 -11.93 0.23 -19.07
N LYS A 60 -12.29 1.38 -19.62
CA LYS A 60 -11.40 2.52 -19.62
C LYS A 60 -11.94 3.52 -18.60
N VAL A 61 -11.07 3.95 -17.69
CA VAL A 61 -11.44 4.93 -16.69
C VAL A 61 -11.09 6.35 -17.12
N PHE A 62 -12.06 7.23 -16.92
CA PHE A 62 -11.90 8.66 -17.16
C PHE A 62 -11.86 9.37 -15.81
N PRO A 63 -10.67 9.75 -15.39
CA PRO A 63 -10.51 10.29 -14.03
C PRO A 63 -10.66 11.82 -13.99
N ASN A 64 -10.39 12.41 -12.82
CA ASN A 64 -10.31 13.84 -12.64
C ASN A 64 -11.58 14.61 -13.03
N SER A 65 -12.74 13.98 -12.86
CA SER A 65 -14.03 14.60 -13.18
C SER A 65 -14.16 14.95 -14.65
N GLN A 66 -13.38 14.30 -15.52
CA GLN A 66 -13.50 14.56 -16.96
C GLN A 66 -14.92 14.41 -17.46
N LEU A 67 -15.65 13.44 -16.92
CA LEU A 67 -17.00 13.17 -17.43
C LEU A 67 -18.09 13.88 -16.64
N GLY A 68 -17.73 14.46 -15.51
CA GLY A 68 -18.65 15.28 -14.74
C GLY A 68 -18.53 15.08 -13.25
N SER A 69 -19.42 15.74 -12.52
CA SER A 69 -19.53 15.58 -11.08
C SER A 69 -20.11 14.21 -10.72
N GLU A 70 -20.03 13.84 -9.44
CA GLU A 70 -20.70 12.62 -8.99
C GLU A 70 -22.21 12.67 -9.22
N LYS A 71 -22.83 13.81 -8.90
CA LYS A 71 -24.26 13.97 -9.16
C LYS A 71 -24.61 13.72 -10.64
N ASP A 72 -23.84 14.29 -11.55
CA ASP A 72 -24.18 14.21 -12.97
C ASP A 72 -23.82 12.83 -13.54
N THR A 73 -22.72 12.24 -13.08
CA THR A 73 -22.32 10.94 -13.62
C THR A 73 -23.25 9.84 -13.14
N ILE A 74 -23.79 9.93 -11.93
CA ILE A 74 -24.76 8.94 -11.54
C ILE A 74 -25.99 9.00 -12.46
N GLU A 75 -26.41 10.20 -12.88
CA GLU A 75 -27.50 10.31 -13.84
C GLU A 75 -27.14 9.70 -15.20
N GLN A 76 -25.90 9.89 -15.65
CA GLN A 76 -25.45 9.28 -16.90
C GLN A 76 -25.61 7.75 -16.82
N VAL A 77 -25.26 7.16 -15.69
CA VAL A 77 -25.35 5.69 -15.57
C VAL A 77 -26.81 5.25 -15.61
N LYS A 78 -27.69 5.98 -14.93
CA LYS A 78 -29.11 5.65 -14.93
C LYS A 78 -29.65 5.64 -16.35
N LEU A 79 -29.17 6.59 -17.17
CA LEU A 79 -29.61 6.71 -18.56
C LEU A 79 -28.92 5.75 -19.52
N GLY A 80 -27.92 5.02 -19.05
CA GLY A 80 -27.12 4.17 -19.91
C GLY A 80 -26.12 4.94 -20.77
N ALA A 81 -25.90 6.23 -20.43
CA ALA A 81 -24.93 7.06 -21.15
C ALA A 81 -23.50 6.80 -20.68
N LEU A 82 -23.40 6.17 -19.52
CA LEU A 82 -22.12 5.84 -18.90
C LEU A 82 -22.24 4.42 -18.36
N ASP A 83 -21.20 3.60 -18.57
CA ASP A 83 -21.31 2.17 -18.29
C ASP A 83 -21.04 1.84 -16.82
N PHE A 84 -19.93 2.37 -16.30
CA PHE A 84 -19.48 2.11 -14.94
C PHE A 84 -19.25 3.41 -14.22
N ILE A 85 -19.32 3.35 -12.90
CA ILE A 85 -19.03 4.53 -12.10
C ILE A 85 -18.46 4.12 -10.74
N ARG A 86 -17.48 4.91 -10.27
CA ARG A 86 -16.91 4.74 -8.94
C ARG A 86 -17.21 6.05 -8.20
N ILE A 87 -18.12 5.98 -7.23
CA ILE A 87 -18.69 7.15 -6.58
C ILE A 87 -18.71 6.96 -5.05
N ASN A 88 -18.84 8.04 -4.30
CA ASN A 88 -18.98 7.90 -2.85
C ASN A 88 -20.42 7.58 -2.49
N SER A 89 -20.60 6.74 -1.48
CA SER A 89 -21.95 6.46 -0.95
C SER A 89 -22.68 7.69 -0.45
N GLY A 90 -21.90 8.70 -0.03
CA GLY A 90 -22.43 9.95 0.43
C GLY A 90 -23.10 10.82 -0.63
N THR A 91 -22.95 10.46 -1.91
CA THR A 91 -23.75 11.06 -2.99
C THR A 91 -24.76 10.04 -3.57
N LEU A 92 -24.38 8.78 -3.63
CA LEU A 92 -25.24 7.71 -4.13
C LEU A 92 -26.52 7.55 -3.32
N ASN A 93 -26.48 7.95 -2.04
CA ASN A 93 -27.64 7.83 -1.17
C ASN A 93 -28.76 8.81 -1.52
N THR A 94 -28.53 9.70 -2.49
CA THR A 94 -29.60 10.49 -3.06
C THR A 94 -30.54 9.64 -3.92
N VAL A 95 -30.05 8.48 -4.36
CA VAL A 95 -30.77 7.62 -5.27
C VAL A 95 -31.13 6.29 -4.60
N CYS A 96 -30.21 5.73 -3.82
CA CYS A 96 -30.40 4.40 -3.22
C CYS A 96 -30.46 4.55 -1.71
N PRO A 97 -31.65 4.38 -1.10
CA PRO A 97 -31.81 4.67 0.34
C PRO A 97 -30.91 3.84 1.26
N ALA A 98 -30.64 2.59 0.88
CA ALA A 98 -29.80 1.76 1.74
C ALA A 98 -28.40 2.35 1.88
N THR A 100 -27.58 5.22 2.59
CA THR A 100 -27.47 6.12 3.74
C THR A 100 -26.83 5.43 4.95
N VAL A 101 -27.10 4.13 5.09
CA VAL A 101 -26.67 3.43 6.29
C VAL A 101 -25.15 3.55 6.53
N PRO A 102 -24.29 3.19 5.55
CA PRO A 102 -22.85 3.27 5.83
C PRO A 102 -22.26 4.67 5.88
N VAL A 103 -23.06 5.67 5.51
CA VAL A 103 -22.68 7.09 5.61
C VAL A 103 -22.82 7.65 7.03
N LEU A 104 -23.67 7.01 7.83
CA LEU A 104 -24.11 7.59 9.09
C LEU A 104 -22.91 7.88 9.98
N PRO A 105 -22.94 9.03 10.64
CA PRO A 105 -21.80 9.41 11.49
C PRO A 105 -21.60 8.51 12.72
N PHE A 106 -20.34 8.12 12.93
CA PHE A 106 -19.93 7.40 14.12
C PHE A 106 -20.63 6.04 14.22
N LEU A 107 -20.93 5.44 13.06
CA LEU A 107 -21.55 4.14 13.01
C LEU A 107 -20.55 3.00 13.23
N PHE A 108 -19.42 3.08 12.53
CA PHE A 108 -18.41 2.02 12.62
C PHE A 108 -17.37 2.39 13.70
N ARG A 109 -16.82 1.38 14.38
CA ARG A 109 -15.90 1.60 15.47
C ARG A 109 -14.53 1.95 14.89
N ASP A 110 -14.22 1.35 13.74
CA ASP A 110 -12.93 1.51 13.12
C ASP A 110 -12.93 0.83 11.73
N LYS A 111 -11.82 0.94 11.02
CA LYS A 111 -11.65 0.35 9.70
C LYS A 111 -11.94 -1.14 9.66
N ALA A 112 -11.41 -1.91 10.61
CA ALA A 112 -11.64 -3.35 10.58
C ALA A 112 -13.14 -3.69 10.71
N HIS A 113 -13.88 -2.96 11.56
CA HIS A 113 -15.33 -3.17 11.72
C HIS A 113 -16.03 -2.91 10.40
N ARG A 115 -14.78 -2.90 7.31
CA ARG A 115 -14.41 -3.84 6.27
C ARG A 115 -15.16 -5.18 6.45
N ALA A 116 -15.26 -5.65 7.68
CA ALA A 116 -15.97 -6.87 7.94
C ALA A 116 -17.44 -6.74 7.54
N VAL A 117 -18.05 -5.61 7.88
CA VAL A 117 -19.47 -5.42 7.60
C VAL A 117 -19.70 -5.37 6.09
N LEU A 118 -18.90 -4.57 5.38
CA LEU A 118 -19.14 -4.32 3.98
C LEU A 118 -18.80 -5.53 3.12
N ASP A 119 -17.88 -6.37 3.58
CA ASP A 119 -17.49 -7.54 2.84
C ASP A 119 -18.52 -8.69 2.97
N GLY A 120 -19.33 -8.65 4.03
CA GLY A 120 -20.24 -9.74 4.37
C GLY A 120 -21.64 -9.51 3.84
N PRO A 121 -22.61 -10.24 4.39
CA PRO A 121 -24.01 -10.19 3.94
C PRO A 121 -24.62 -8.81 4.02
N ILE A 122 -24.24 -8.02 5.01
CA ILE A 122 -24.83 -6.69 5.16
C ILE A 122 -24.41 -5.86 3.92
N GLY A 123 -23.13 -5.90 3.57
CA GLY A 123 -22.66 -5.14 2.40
C GLY A 123 -23.36 -5.60 1.11
N ASP A 124 -23.49 -6.92 0.96
CA ASP A 124 -24.15 -7.43 -0.22
C ASP A 124 -25.62 -6.98 -0.27
N GLU A 125 -26.27 -6.91 0.89
CA GLU A 125 -27.67 -6.45 0.95
C GLU A 125 -27.78 -5.00 0.50
N ILE A 126 -26.83 -4.18 0.96
CA ILE A 126 -26.85 -2.76 0.59
C ILE A 126 -26.60 -2.61 -0.91
N LEU A 127 -25.63 -3.34 -1.45
CA LEU A 127 -25.34 -3.25 -2.88
C LEU A 127 -26.56 -3.65 -3.73
N ALA A 128 -27.27 -4.69 -3.30
CA ALA A 128 -28.43 -5.19 -4.02
C ALA A 128 -29.59 -4.16 -4.10
N ASP A 129 -29.64 -3.22 -3.15
CA ASP A 129 -30.69 -2.17 -3.10
C ASP A 129 -30.68 -1.28 -4.35
N CYS A 130 -29.52 -1.13 -5.00
CA CYS A 130 -29.40 -0.18 -6.10
C CYS A 130 -30.11 -0.62 -7.39
N ALA A 131 -30.26 -1.91 -7.59
CA ALA A 131 -30.67 -2.42 -8.90
C ALA A 131 -32.01 -1.84 -9.35
N SER A 132 -32.95 -1.69 -8.42
CA SER A 132 -34.28 -1.22 -8.79
C SER A 132 -34.24 0.23 -9.29
N HIS A 133 -33.14 0.91 -9.01
CA HIS A 133 -32.95 2.31 -9.43
C HIS A 133 -32.16 2.43 -10.73
N GLY A 134 -31.80 1.30 -11.35
CA GLY A 134 -31.15 1.29 -12.65
C GLY A 134 -29.63 1.16 -12.58
N LEU A 135 -29.13 0.81 -11.40
CA LEU A 135 -27.71 0.72 -11.13
C LEU A 135 -27.44 -0.54 -10.38
N VAL A 136 -26.49 -1.35 -10.88
CA VAL A 136 -26.14 -2.58 -10.20
C VAL A 136 -24.88 -2.33 -9.35
N GLY A 137 -25.03 -2.51 -8.04
CA GLY A 137 -23.94 -2.32 -7.10
C GLY A 137 -23.01 -3.53 -7.13
N LEU A 138 -21.72 -3.31 -7.36
CA LEU A 138 -20.77 -4.43 -7.53
C LEU A 138 -19.77 -4.61 -6.39
N ALA A 139 -19.32 -3.50 -5.79
CA ALA A 139 -18.31 -3.57 -4.73
C ALA A 139 -18.24 -2.27 -3.95
N PHE A 140 -17.76 -2.40 -2.71
CA PHE A 140 -17.38 -1.24 -1.87
C PHE A 140 -15.87 -1.07 -1.86
N TYR A 141 -15.40 0.17 -2.02
CA TYR A 141 -14.00 0.50 -1.78
C TYR A 141 -13.87 1.39 -0.54
N ASP A 142 -12.75 1.27 0.14
CA ASP A 142 -12.45 2.06 1.32
C ASP A 142 -12.35 3.54 1.02
N SER A 143 -12.71 4.35 2.01
CA SER A 143 -12.53 5.80 1.90
C SER A 143 -12.07 6.41 3.24
N GLY A 144 -11.49 5.60 4.12
CA GLY A 144 -11.00 6.12 5.39
C GLY A 144 -12.13 6.76 6.17
N ALA A 145 -11.77 7.73 7.02
CA ALA A 145 -12.73 8.51 7.75
C ALA A 145 -12.58 9.94 7.29
N ARG A 146 -13.71 10.63 7.17
CA ARG A 146 -13.75 12.03 6.80
C ARG A 146 -13.64 12.91 8.04
N SER A 147 -12.78 13.95 7.93
CA SER A 147 -12.49 14.88 9.01
C SER A 147 -12.51 16.31 8.47
N PHE A 148 -12.85 17.26 9.35
CA PHE A 148 -12.92 18.67 8.98
C PHE A 148 -11.55 19.29 8.76
N TYR A 149 -11.45 20.13 7.74
CA TYR A 149 -10.30 20.99 7.57
C TYR A 149 -10.75 22.39 7.18
N ALA A 150 -9.97 23.39 7.59
CA ALA A 150 -10.40 24.77 7.42
C ALA A 150 -9.22 25.73 7.39
N THR A 151 -9.53 26.96 7.01
CA THR A 151 -8.54 28.01 6.92
C THR A 151 -8.12 28.57 8.28
N THR A 152 -8.85 28.23 9.33
CA THR A 152 -8.49 28.51 10.71
C THR A 152 -8.60 27.20 11.51
N PRO A 153 -7.93 27.13 12.67
CA PRO A 153 -7.90 25.86 13.41
C PRO A 153 -9.21 25.59 14.11
N ILE A 154 -9.81 24.45 13.80
CA ILE A 154 -11.01 23.98 14.49
C ILE A 154 -10.54 23.09 15.65
N ARG A 155 -10.52 23.65 16.85
CA ARG A 155 -9.99 22.95 18.02
C ARG A 155 -11.07 22.30 18.90
N LYS A 156 -12.32 22.66 18.64
CA LYS A 156 -13.48 22.15 19.36
C LYS A 156 -14.71 22.43 18.50
N LEU A 157 -15.79 21.72 18.74
CA LEU A 157 -17.00 21.90 17.97
C LEU A 157 -17.42 23.37 17.86
N GLU A 158 -17.26 24.11 18.95
CA GLU A 158 -17.72 25.51 18.97
C GLU A 158 -17.01 26.35 17.91
N ASP A 159 -15.82 25.92 17.51
CA ASP A 159 -15.06 26.68 16.50
C ASP A 159 -15.67 26.59 15.10
N LEU A 160 -16.53 25.61 14.86
CA LEU A 160 -17.23 25.47 13.58
C LEU A 160 -18.40 26.42 13.42
N LYS A 161 -18.83 27.05 14.51
CA LYS A 161 -20.05 27.85 14.48
C LYS A 161 -19.96 28.94 13.42
N GLY A 162 -20.94 28.95 12.52
CA GLY A 162 -21.00 29.93 11.44
C GLY A 162 -20.11 29.67 10.24
N LYS A 163 -19.20 28.70 10.34
CA LYS A 163 -18.27 28.44 9.24
C LYS A 163 -19.01 27.92 8.00
N LYS A 164 -18.54 28.36 6.85
CA LYS A 164 -19.03 27.90 5.57
C LYS A 164 -18.25 26.66 5.15
N ILE A 165 -18.90 25.51 5.28
CA ILE A 165 -18.22 24.25 5.07
C ILE A 165 -18.82 23.56 3.85
N ARG A 166 -17.97 23.26 2.87
CA ARG A 166 -18.43 22.51 1.70
C ARG A 166 -18.78 21.08 2.07
N VAL A 167 -19.84 20.58 1.44
CA VAL A 167 -20.21 19.18 1.51
C VAL A 167 -20.52 18.64 0.09
N GLN A 168 -20.60 17.31 0.00
CA GLN A 168 -21.12 16.65 -1.18
C GLN A 168 -22.53 17.11 -1.49
N GLN A 169 -22.95 16.91 -2.75
CA GLN A 169 -24.29 17.28 -3.20
C GLN A 169 -25.32 16.21 -2.82
N SER A 170 -25.60 16.17 -1.53
CA SER A 170 -26.52 15.20 -0.94
C SER A 170 -27.05 15.74 0.38
N ASP A 171 -28.36 15.64 0.57
CA ASP A 171 -29.02 16.36 1.65
C ASP A 171 -28.61 16.01 3.07
N ILE A 172 -28.22 14.76 3.30
CA ILE A 172 -27.83 14.35 4.63
C ILE A 172 -26.71 15.25 5.17
N TRP A 173 -25.77 15.66 4.32
CA TRP A 173 -24.64 16.49 4.78
C TRP A 173 -25.08 17.91 5.11
N VAL A 174 -26.09 18.43 4.41
CA VAL A 174 -26.65 19.74 4.72
C VAL A 174 -27.27 19.72 6.12
N SER A 175 -28.05 18.67 6.38
CA SER A 175 -28.65 18.47 7.70
C SER A 175 -27.60 18.32 8.79
N LYS A 178 -25.93 21.69 9.74
CA LYS A 178 -26.87 22.48 10.53
C LYS A 178 -26.82 22.06 11.98
N LEU A 179 -26.85 20.75 12.22
CA LEU A 179 -26.77 20.24 13.59
C LEU A 179 -25.45 20.61 14.29
N LEU A 180 -24.39 20.80 13.52
CA LEU A 180 -23.07 21.13 14.04
C LEU A 180 -22.85 22.65 14.13
N GLY A 181 -23.86 23.41 13.74
CA GLY A 181 -23.81 24.86 13.85
C GLY A 181 -23.10 25.55 12.70
N ALA A 182 -22.80 24.79 11.66
CA ALA A 182 -22.11 25.31 10.48
C ALA A 182 -23.10 25.54 9.34
N ASN A 183 -22.61 26.15 8.28
CA ASN A 183 -23.43 26.45 7.10
C ASN A 183 -22.92 25.66 5.91
N ALA A 184 -23.71 24.69 5.49
CA ALA A 184 -23.31 23.81 4.40
C ALA A 184 -23.36 24.51 3.04
N THR A 185 -22.35 24.25 2.21
CA THR A 185 -22.36 24.67 0.82
C THR A 185 -22.06 23.49 -0.07
N PRO A 186 -23.10 22.85 -0.60
CA PRO A 186 -22.92 21.68 -1.45
C PRO A 186 -22.32 22.11 -2.78
N PRO A 188 -19.75 20.29 -6.32
CA PRO A 188 -18.93 19.18 -6.83
C PRO A 188 -17.49 19.20 -6.33
N ALA A 189 -16.88 18.01 -6.25
CA ALA A 189 -15.49 17.86 -5.81
C ALA A 189 -14.51 18.78 -6.54
N GLY A 190 -14.64 18.88 -7.86
CA GLY A 190 -13.74 19.70 -8.66
C GLY A 190 -13.74 21.19 -8.39
N GLU A 191 -14.75 21.70 -7.69
CA GLU A 191 -14.90 23.13 -7.40
C GLU A 191 -14.36 23.52 -6.02
N VAL A 192 -14.02 22.54 -5.20
CA VAL A 192 -13.72 22.81 -3.79
C VAL A 192 -12.44 23.63 -3.58
N PHE A 193 -11.35 23.29 -4.26
CA PHE A 193 -10.12 24.07 -4.12
C PHE A 193 -10.35 25.53 -4.46
N THR A 194 -11.02 25.79 -5.58
CA THR A 194 -11.33 27.15 -5.98
C THR A 194 -12.12 27.89 -4.89
N GLY A 195 -13.09 27.23 -4.27
CA GLY A 195 -13.89 27.86 -3.23
C GLY A 195 -13.08 28.21 -2.00
N LEU A 196 -12.15 27.34 -1.64
CA LEU A 196 -11.28 27.60 -0.49
C LEU A 196 -10.34 28.79 -0.80
N LYS A 197 -9.83 28.86 -2.02
CA LYS A 197 -8.92 29.95 -2.40
C LYS A 197 -9.65 31.26 -2.58
N SER A 198 -10.91 31.20 -3.02
CA SER A 198 -11.66 32.42 -3.32
C SER A 198 -12.36 33.03 -2.10
N GLY A 199 -12.52 32.25 -1.03
CA GLY A 199 -13.23 32.72 0.15
C GLY A 199 -14.70 32.37 0.18
N LEU A 200 -15.17 31.70 -0.87
CA LEU A 200 -16.54 31.23 -0.93
C LEU A 200 -16.86 30.30 0.25
N ILE A 201 -15.91 29.43 0.58
CA ILE A 201 -16.01 28.50 1.71
C ILE A 201 -14.79 28.64 2.61
N ASP A 202 -14.97 28.31 3.89
CA ASP A 202 -13.92 28.37 4.89
C ASP A 202 -13.26 27.00 5.08
N GLY A 203 -13.93 25.94 4.62
CA GLY A 203 -13.42 24.61 4.88
C GLY A 203 -14.25 23.53 4.21
N ALA A 204 -13.90 22.28 4.48
CA ALA A 204 -14.56 21.12 3.87
C ALA A 204 -14.25 19.91 4.76
N GLU A 205 -14.52 18.70 4.30
CA GLU A 205 -14.23 17.51 5.12
C GLU A 205 -13.97 16.35 4.20
N ASN A 206 -12.96 15.55 4.57
CA ASN A 206 -12.55 14.42 3.75
C ASN A 206 -11.45 13.64 4.42
N ASN A 207 -11.09 12.54 3.75
CA ASN A 207 -10.03 11.65 4.19
C ASN A 207 -8.66 12.23 3.84
N TRP A 208 -7.60 11.57 4.32
CA TRP A 208 -6.24 12.07 4.09
C TRP A 208 -5.85 12.12 2.59
N PRO A 209 -6.09 11.01 1.84
CA PRO A 209 -5.67 11.08 0.44
C PRO A 209 -6.38 12.14 -0.39
N SER A 210 -7.63 12.46 -0.05
CA SER A 210 -8.35 13.48 -0.80
C SER A 210 -7.88 14.88 -0.40
N TYR A 211 -7.67 15.11 0.89
CA TYR A 211 -7.14 16.38 1.38
C TYR A 211 -5.84 16.72 0.64
N ASP A 212 -4.98 15.70 0.46
CA ASP A 212 -3.75 15.79 -0.32
C ASP A 212 -4.03 16.00 -1.81
N ASN A 213 -4.68 15.01 -2.44
CA ASN A 213 -4.70 14.94 -3.91
C ASN A 213 -5.61 15.95 -4.63
N PHE A 214 -6.55 16.55 -3.91
CA PHE A 214 -7.35 17.67 -4.43
C PHE A 214 -6.64 19.01 -4.16
N HIS A 215 -5.48 18.94 -3.50
CA HIS A 215 -4.66 20.11 -3.12
C HIS A 215 -5.29 21.00 -2.06
N HIS A 216 -6.30 20.51 -1.36
CA HIS A 216 -6.97 21.33 -0.38
C HIS A 216 -6.06 21.78 0.75
N TYR A 217 -5.07 20.98 1.08
CA TYR A 217 -4.13 21.31 2.17
C TYR A 217 -3.37 22.59 1.90
N GLU A 218 -3.26 22.98 0.64
CA GLU A 218 -2.57 24.20 0.26
C GLU A 218 -3.34 25.45 0.66
N ALA A 219 -4.65 25.31 0.78
CA ALA A 219 -5.54 26.43 1.05
C ALA A 219 -6.16 26.41 2.45
N ALA A 220 -6.26 25.24 3.04
CA ALA A 220 -6.90 25.07 4.35
C ALA A 220 -5.95 24.18 5.17
N LYS A 221 -5.07 24.81 5.94
CA LYS A 221 -3.89 24.13 6.49
C LYS A 221 -4.09 23.60 7.91
N ASN A 222 -5.35 23.47 8.33
CA ASN A 222 -5.67 22.94 9.66
C ASN A 222 -6.62 21.77 9.49
N TYR A 223 -6.16 20.56 9.85
CA TYR A 223 -6.93 19.34 9.67
C TYR A 223 -7.25 18.75 11.04
N SER A 224 -8.54 18.67 11.36
CA SER A 224 -8.99 18.29 12.70
C SER A 224 -9.69 16.93 12.66
N LEU A 225 -9.17 15.97 13.45
CA LEU A 225 -9.56 14.55 13.37
C LEU A 225 -10.94 14.27 14.01
N SER A 226 -11.96 14.84 13.41
CA SER A 226 -13.34 14.60 13.84
C SER A 226 -13.78 13.18 13.48
N GLU A 227 -13.26 12.69 12.36
CA GLU A 227 -13.56 11.33 11.90
C GLU A 227 -15.06 11.01 12.00
N HIS A 228 -15.87 11.90 11.43
CA HIS A 228 -17.32 11.95 11.65
C HIS A 228 -18.12 11.08 10.70
N SER A 229 -17.49 10.53 9.66
CA SER A 229 -18.17 9.57 8.79
C SER A 229 -17.13 8.67 8.16
N ALA A 231 -18.22 6.95 5.31
CA ALA A 231 -18.87 6.74 4.00
C ALA A 231 -17.96 6.10 2.99
N PRO A 232 -18.29 4.87 2.55
CA PRO A 232 -17.36 4.17 1.66
C PRO A 232 -17.64 4.51 0.21
N GLU A 233 -16.75 4.08 -0.68
CA GLU A 233 -17.00 4.22 -2.11
C GLU A 233 -17.78 3.02 -2.64
N VAL A 234 -18.42 3.19 -3.77
CA VAL A 234 -19.15 2.11 -4.43
C VAL A 234 -18.81 2.09 -5.92
N LEU A 235 -18.59 0.89 -6.45
CA LEU A 235 -18.43 0.67 -7.87
C LEU A 235 -19.73 0.06 -8.41
N LEU A 236 -20.30 0.66 -9.45
CA LEU A 236 -21.56 0.22 -10.02
C LEU A 236 -21.48 0.13 -11.53
N ILE A 237 -22.39 -0.64 -12.10
CA ILE A 237 -22.56 -0.74 -13.55
C ILE A 237 -24.01 -0.35 -13.88
N SER A 238 -24.20 0.29 -15.03
CA SER A 238 -25.56 0.51 -15.56
C SER A 238 -26.33 -0.81 -15.66
N LYS A 239 -27.54 -0.83 -15.13
CA LYS A 239 -28.35 -2.04 -15.23
C LYS A 239 -28.63 -2.40 -16.68
N ARG A 240 -28.92 -1.39 -17.51
CA ARG A 240 -29.13 -1.64 -18.93
C ARG A 240 -27.93 -2.36 -19.55
N VAL A 241 -26.72 -1.92 -19.24
CA VAL A 241 -25.53 -2.57 -19.78
C VAL A 241 -25.30 -3.97 -19.18
N PHE A 242 -25.47 -4.13 -17.87
CA PHE A 242 -25.30 -5.42 -17.21
C PHE A 242 -26.24 -6.47 -17.84
N ASP A 243 -27.47 -6.05 -18.12
CA ASP A 243 -28.47 -6.95 -18.66
C ASP A 243 -28.13 -7.41 -20.08
N SER A 244 -27.24 -6.69 -20.75
CA SER A 244 -26.82 -7.09 -22.10
C SER A 244 -25.75 -8.18 -22.03
N PHE A 245 -25.18 -8.37 -20.84
CA PHE A 245 -24.10 -9.36 -20.69
C PHE A 245 -24.67 -10.78 -20.63
N THR A 246 -23.89 -11.73 -21.12
CA THR A 246 -24.27 -13.11 -20.96
C THR A 246 -24.25 -13.43 -19.47
N PRO A 247 -24.94 -14.49 -19.06
CA PRO A 247 -24.93 -14.86 -17.64
C PRO A 247 -23.51 -15.14 -17.10
N GLU A 248 -22.67 -15.75 -17.95
CA GLU A 248 -21.28 -16.01 -17.54
C GLU A 248 -20.52 -14.69 -17.34
N GLU A 249 -20.72 -13.76 -18.25
CA GLU A 249 -20.06 -12.47 -18.18
C GLU A 249 -20.50 -11.74 -16.89
N GLN A 250 -21.75 -11.91 -16.48
CA GLN A 250 -22.23 -11.21 -15.29
C GLN A 250 -21.49 -11.74 -14.04
N VAL A 251 -21.29 -13.05 -14.00
CA VAL A 251 -20.56 -13.66 -12.90
C VAL A 251 -19.11 -13.18 -12.90
N GLN A 252 -18.51 -13.12 -14.08
CA GLN A 252 -17.13 -12.67 -14.24
C GLN A 252 -16.97 -11.22 -13.80
N VAL A 253 -17.94 -10.37 -14.15
CA VAL A 253 -17.87 -8.96 -13.73
C VAL A 253 -17.99 -8.81 -12.22
N ARG A 254 -18.94 -9.49 -11.61
CA ARG A 254 -19.06 -9.41 -10.15
C ARG A 254 -17.81 -9.92 -9.45
N LYS A 255 -17.24 -11.03 -9.92
CA LYS A 255 -16.04 -11.57 -9.29
C LYS A 255 -14.83 -10.65 -9.46
N ALA A 256 -14.65 -10.07 -10.63
CA ALA A 256 -13.55 -9.13 -10.84
C ALA A 256 -13.71 -7.92 -9.94
N ALA A 257 -14.95 -7.44 -9.79
CA ALA A 257 -15.20 -6.31 -8.88
C ALA A 257 -14.82 -6.67 -7.44
N LYS A 258 -15.29 -7.82 -6.96
CA LYS A 258 -14.94 -8.23 -5.59
C LYS A 258 -13.43 -8.42 -5.41
N ASN A 259 -12.76 -8.99 -6.40
CA ASN A 259 -11.31 -9.20 -6.31
C ASN A 259 -10.59 -7.85 -6.20
N SER A 260 -11.14 -6.84 -6.85
CA SER A 260 -10.47 -5.56 -6.88
C SER A 260 -10.51 -4.84 -5.53
N VAL A 261 -11.36 -5.28 -4.61
CA VAL A 261 -11.46 -4.63 -3.29
C VAL A 261 -10.14 -4.81 -2.49
N GLY A 262 -9.63 -6.03 -2.47
CA GLY A 262 -8.38 -6.32 -1.75
C GLY A 262 -7.19 -5.58 -2.36
N TYR A 263 -7.19 -5.45 -3.68
CA TYR A 263 -6.15 -4.75 -4.43
C TYR A 263 -6.18 -3.29 -4.03
N ARG A 265 -7.50 -1.97 -1.38
CA ARG A 265 -7.20 -1.70 0.03
C ARG A 265 -5.69 -1.62 0.29
N GLN A 266 -4.92 -2.42 -0.44
CA GLN A 266 -3.48 -2.40 -0.24
C GLN A 266 -2.94 -1.06 -0.68
N LEU A 267 -3.43 -0.55 -1.81
CA LEU A 267 -2.98 0.76 -2.29
C LEU A 267 -3.44 1.85 -1.33
N TRP A 268 -4.67 1.72 -0.85
CA TRP A 268 -5.28 2.72 0.01
C TRP A 268 -4.56 2.90 1.35
N ASP A 269 -4.27 1.80 2.02
CA ASP A 269 -3.64 1.90 3.33
C ASP A 269 -2.27 2.61 3.22
N ALA A 270 -1.55 2.39 2.14
CA ALA A 270 -0.28 3.08 1.94
C ALA A 270 -0.49 4.57 1.65
N GLU A 272 -2.93 6.55 2.65
CA GLU A 272 -3.31 7.30 3.85
C GLU A 272 -2.04 7.75 4.57
N ILE A 273 -1.04 6.88 4.59
CA ILE A 273 0.26 7.18 5.23
C ILE A 273 1.03 8.25 4.48
N SER A 274 1.23 8.04 3.20
CA SER A 274 2.03 8.95 2.41
C SER A 274 1.37 10.31 2.27
N SER A 275 0.03 10.35 2.15
CA SER A 275 -0.67 11.63 2.08
C SER A 275 -0.57 12.41 3.39
N ARG A 276 -0.72 11.73 4.52
CA ARG A 276 -0.63 12.45 5.78
C ARG A 276 0.78 13.00 5.95
N GLU A 277 1.79 12.20 5.59
CA GLU A 277 3.18 12.66 5.67
C GLU A 277 3.46 13.88 4.82
N LYS A 278 2.97 13.84 3.59
CA LYS A 278 3.17 14.92 2.63
C LYS A 278 2.58 16.21 3.15
N VAL A 279 1.37 16.18 3.66
CA VAL A 279 0.73 17.45 4.04
C VAL A 279 1.35 17.97 5.32
N GLU A 280 1.76 17.07 6.21
CA GLU A 280 2.44 17.51 7.44
C GLU A 280 3.75 18.20 7.08
N LYS A 281 4.49 17.63 6.13
CA LYS A 281 5.77 18.22 5.71
C LYS A 281 5.56 19.60 5.12
N ALA A 282 4.40 19.78 4.48
CA ALA A 282 4.06 21.05 3.88
C ALA A 282 3.61 22.09 4.91
N GLY A 283 3.51 21.70 6.18
CA GLY A 283 3.17 22.65 7.24
C GLY A 283 1.79 22.59 7.87
N VAL A 284 0.96 21.66 7.43
CA VAL A 284 -0.37 21.47 8.01
C VAL A 284 -0.27 21.20 9.51
N GLU A 285 -1.20 21.80 10.26
CA GLU A 285 -1.36 21.43 11.67
C GLU A 285 -2.45 20.35 11.76
N VAL A 286 -2.08 19.23 12.36
CA VAL A 286 -3.02 18.14 12.61
C VAL A 286 -3.53 18.27 14.03
N ILE A 287 -4.83 18.39 14.15
CA ILE A 287 -5.48 18.75 15.40
C ILE A 287 -6.31 17.60 15.96
N THR A 288 -6.05 17.29 17.23
CA THR A 288 -6.80 16.28 17.94
C THR A 288 -7.98 16.97 18.59
N ILE A 289 -9.18 16.44 18.43
CA ILE A 289 -10.39 17.14 18.85
C ILE A 289 -11.31 16.21 19.64
N ASP A 290 -12.00 16.76 20.63
CA ASP A 290 -12.97 16.02 21.42
C ASP A 290 -14.20 15.71 20.57
N LYS A 291 -14.37 14.43 20.23
CA LYS A 291 -15.46 13.99 19.37
C LYS A 291 -16.82 13.91 20.05
N ALA A 292 -16.86 13.87 21.38
CA ALA A 292 -18.13 13.63 22.06
C ALA A 292 -19.22 14.63 21.71
N PRO A 293 -18.88 15.94 21.62
CA PRO A 293 -19.90 16.92 21.27
C PRO A 293 -20.40 16.75 19.84
N PHE A 294 -19.53 16.27 18.95
CA PHE A 294 -19.93 16.01 17.57
C PHE A 294 -20.92 14.86 17.55
N GLN A 295 -20.60 13.78 18.25
CA GLN A 295 -21.45 12.59 18.28
C GLN A 295 -22.83 12.91 18.83
N ALA A 296 -22.86 13.65 19.93
CA ALA A 296 -24.13 14.05 20.52
C ALA A 296 -24.96 14.91 19.55
N ALA A 297 -24.30 15.83 18.85
CA ALA A 297 -25.02 16.78 17.99
C ALA A 297 -25.69 16.12 16.79
N VAL A 298 -25.07 15.08 16.24
CA VAL A 298 -25.55 14.49 14.97
C VAL A 298 -26.53 13.33 15.16
N GLN A 299 -26.75 12.91 16.40
CA GLN A 299 -27.63 11.75 16.66
C GLN A 299 -29.01 11.86 15.97
N PRO A 300 -29.64 13.05 15.95
CA PRO A 300 -30.93 13.19 15.28
C PRO A 300 -30.96 12.75 13.82
N LEU A 301 -29.81 12.74 13.16
CA LEU A 301 -29.76 12.31 11.75
C LEU A 301 -30.26 10.89 11.53
N TYR A 302 -30.03 10.00 12.50
CA TYR A 302 -30.33 8.60 12.31
C TYR A 302 -31.83 8.42 12.08
N ASP A 303 -32.66 8.95 12.96
CA ASP A 303 -34.10 8.77 12.77
C ASP A 303 -34.65 9.68 11.67
N GLN A 304 -33.99 10.82 11.42
CA GLN A 304 -34.44 11.69 10.36
C GLN A 304 -34.29 11.03 8.99
N PHE A 305 -33.13 10.43 8.75
CA PHE A 305 -32.78 9.90 7.40
C PHE A 305 -33.00 8.40 7.19
N VAL A 306 -33.00 7.59 8.25
CA VAL A 306 -33.29 6.16 8.11
C VAL A 306 -34.62 5.82 8.73
N THR A 307 -35.60 5.66 7.85
CA THR A 307 -36.98 5.43 8.26
C THR A 307 -37.50 4.01 7.96
N ASP A 308 -36.85 3.30 7.04
CA ASP A 308 -37.28 1.95 6.66
C ASP A 308 -36.94 0.96 7.78
N PRO A 309 -37.93 0.25 8.33
CA PRO A 309 -37.64 -0.75 9.36
C PRO A 309 -36.55 -1.77 8.99
N LYS A 310 -36.47 -2.19 7.73
CA LYS A 310 -35.41 -3.11 7.31
C LYS A 310 -34.02 -2.52 7.50
N LEU A 311 -33.87 -1.22 7.19
CA LEU A 311 -32.60 -0.52 7.38
C LEU A 311 -32.31 -0.21 8.85
N LYS A 312 -33.34 0.07 9.63
CA LYS A 312 -33.10 0.26 11.07
C LYS A 312 -32.60 -1.04 11.72
N ASP A 313 -33.13 -2.17 11.28
CA ASP A 313 -32.66 -3.47 11.77
C ASP A 313 -31.23 -3.71 11.33
N ILE A 315 -28.94 -1.43 10.91
CA ILE A 315 -28.10 -0.61 11.78
C ILE A 315 -27.85 -1.32 13.12
N THR A 316 -28.90 -1.92 13.68
CA THR A 316 -28.77 -2.70 14.91
C THR A 316 -27.75 -3.83 14.73
N ARG A 317 -27.83 -4.53 13.61
CA ARG A 317 -26.87 -5.59 13.32
C ARG A 317 -25.43 -5.08 13.13
N ILE A 318 -25.28 -3.94 12.47
CA ILE A 318 -23.99 -3.34 12.30
C ILE A 318 -23.40 -2.93 13.65
N LYS A 319 -24.21 -2.27 14.48
CA LYS A 319 -23.73 -1.81 15.78
C LYS A 319 -23.27 -3.00 16.63
N ALA A 320 -23.85 -4.16 16.40
CA ALA A 320 -23.48 -5.36 17.16
C ALA A 320 -22.46 -6.29 16.48
N ALA A 321 -21.98 -5.94 15.29
CA ALA A 321 -21.07 -6.84 14.56
C ALA A 321 -19.60 -6.75 15.01
N GLN B 25 23.09 13.58 15.15
CA GLN B 25 22.47 12.94 13.99
C GLN B 25 23.29 11.73 13.56
N TYR B 26 22.67 10.55 13.57
CA TYR B 26 23.36 9.32 13.18
C TYR B 26 23.17 9.07 11.69
N ARG B 27 24.14 8.42 11.05
CA ARG B 27 24.11 8.19 9.61
C ARG B 27 23.72 6.73 9.28
N SER B 28 22.92 6.57 8.23
CA SER B 28 22.45 5.25 7.81
C SER B 28 22.56 5.14 6.30
N ALA B 29 22.92 3.96 5.81
CA ALA B 29 23.09 3.72 4.37
C ALA B 29 21.97 2.86 3.78
N ASP B 30 21.64 3.13 2.53
CA ASP B 30 20.73 2.28 1.76
C ASP B 30 21.11 2.38 0.26
N VAL B 31 21.08 1.26 -0.44
CA VAL B 31 21.24 1.29 -1.90
C VAL B 31 20.00 1.79 -2.66
N GLN B 32 18.85 1.79 -1.98
CA GLN B 32 17.59 2.09 -2.61
C GLN B 32 17.39 3.60 -2.73
N PRO B 33 16.46 4.03 -3.58
CA PRO B 33 16.26 5.45 -3.82
C PRO B 33 15.48 6.15 -2.71
N ALA B 34 15.43 7.47 -2.85
CA ALA B 34 15.04 8.35 -1.77
C ALA B 34 13.62 8.18 -1.26
N ASP B 35 12.71 7.72 -2.10
CA ASP B 35 11.32 7.52 -1.68
C ASP B 35 10.94 6.04 -1.59
N TYR B 36 11.93 5.17 -1.57
CA TYR B 36 11.67 3.72 -1.50
C TYR B 36 11.16 3.35 -0.10
N PRO B 37 10.36 2.28 0.00
CA PRO B 37 9.77 1.95 1.32
C PRO B 37 10.80 1.69 2.40
N THR B 38 11.96 1.10 2.09
CA THR B 38 12.99 0.93 3.13
C THR B 38 13.53 2.25 3.66
N VAL B 39 13.64 3.25 2.79
CA VAL B 39 14.15 4.56 3.18
C VAL B 39 13.08 5.29 4.00
N LYS B 40 11.84 5.22 3.54
CA LYS B 40 10.74 5.82 4.28
C LYS B 40 10.60 5.21 5.66
N ALA B 41 10.87 3.92 5.80
CA ALA B 41 10.70 3.23 7.08
C ALA B 41 11.70 3.77 8.09
N VAL B 42 12.96 3.92 7.68
CA VAL B 42 14.00 4.42 8.59
C VAL B 42 13.74 5.90 8.89
N GLN B 43 13.23 6.65 7.91
CA GLN B 43 12.86 8.03 8.18
C GLN B 43 11.72 8.13 9.20
N SER B 44 10.75 7.23 9.12
CA SER B 44 9.65 7.22 10.07
C SER B 44 10.17 6.87 11.49
N SER B 46 13.20 7.52 12.52
CA SER B 46 13.88 8.72 12.95
C SER B 46 12.91 9.76 13.51
N ASP B 47 11.78 9.95 12.83
CA ASP B 47 10.80 10.93 13.29
C ASP B 47 10.25 10.51 14.65
N GLU B 48 10.04 9.21 14.85
CA GLU B 48 9.58 8.72 16.15
C GLU B 48 10.61 9.05 17.24
N LEU B 49 11.87 8.72 16.97
CA LEU B 49 12.93 8.96 17.94
C LEU B 49 13.13 10.43 18.20
N ASN B 50 13.01 11.24 17.16
CA ASN B 50 13.18 12.67 17.30
C ASN B 50 12.17 13.21 18.31
N LYS B 51 10.91 12.78 18.16
CA LYS B 51 9.86 13.14 19.10
C LYS B 51 10.05 12.58 20.51
N GLU B 52 10.33 11.28 20.63
CA GLU B 52 10.43 10.67 21.93
C GLU B 52 11.70 11.10 22.69
N THR B 53 12.72 11.55 21.97
CA THR B 53 13.95 11.97 22.65
C THR B 53 14.10 13.49 22.63
N ASN B 54 13.06 14.17 22.19
CA ASN B 54 13.12 15.61 21.97
C ASN B 54 14.46 16.07 21.42
N GLY B 55 14.81 15.55 20.25
CA GLY B 55 15.90 16.07 19.46
C GLY B 55 17.23 15.34 19.49
N LYS B 56 17.54 14.60 20.55
CA LYS B 56 18.75 13.92 20.97
C LYS B 56 19.16 12.84 19.97
N ILE B 57 18.19 12.08 19.48
CA ILE B 57 18.46 11.04 18.53
C ILE B 57 17.64 11.22 17.25
N SER B 58 18.34 11.32 16.12
CA SER B 58 17.71 11.27 14.80
C SER B 58 18.64 10.57 13.84
N ILE B 59 18.12 10.15 12.69
CA ILE B 59 18.88 9.38 11.72
C ILE B 59 18.78 10.08 10.37
N LYS B 60 19.89 10.18 9.67
CA LYS B 60 19.92 10.70 8.31
C LYS B 60 20.25 9.56 7.36
N VAL B 61 19.38 9.32 6.39
CA VAL B 61 19.60 8.24 5.43
C VAL B 61 20.37 8.75 4.22
N PHE B 62 21.40 7.98 3.82
CA PHE B 62 22.15 8.25 2.60
C PHE B 62 21.76 7.19 1.58
N PRO B 63 20.84 7.53 0.65
CA PRO B 63 20.31 6.54 -0.27
C PRO B 63 21.17 6.37 -1.53
N ASN B 64 20.66 5.60 -2.49
CA ASN B 64 21.29 5.47 -3.79
C ASN B 64 22.76 5.01 -3.79
N SER B 65 23.17 4.25 -2.77
CA SER B 65 24.56 3.79 -2.64
C SER B 65 25.57 4.95 -2.56
N GLN B 66 25.14 6.12 -2.08
CA GLN B 66 26.09 7.23 -1.88
C GLN B 66 27.33 6.82 -1.09
N LEU B 67 27.15 5.98 -0.09
CA LEU B 67 28.25 5.65 0.80
C LEU B 67 28.97 4.37 0.39
N GLY B 68 28.45 3.73 -0.66
CA GLY B 68 29.07 2.53 -1.21
C GLY B 68 28.10 1.37 -1.39
N SER B 69 28.63 0.22 -1.81
CA SER B 69 27.84 -1.00 -1.97
C SER B 69 27.40 -1.58 -0.62
N GLU B 70 26.51 -2.57 -0.65
CA GLU B 70 26.14 -3.29 0.58
C GLU B 70 27.35 -3.96 1.21
N LYS B 71 28.21 -4.57 0.41
CA LYS B 71 29.42 -5.19 0.93
C LYS B 71 30.32 -4.18 1.66
N ASP B 72 30.47 -3.00 1.10
CA ASP B 72 31.37 -2.04 1.69
C ASP B 72 30.75 -1.31 2.88
N THR B 73 29.46 -1.07 2.84
CA THR B 73 28.81 -0.34 3.93
C THR B 73 28.66 -1.20 5.18
N ILE B 74 28.46 -2.52 5.02
CA ILE B 74 28.35 -3.33 6.23
C ILE B 74 29.70 -3.36 6.95
N GLU B 75 30.79 -3.36 6.20
CA GLU B 75 32.11 -3.23 6.81
C GLU B 75 32.25 -1.90 7.56
N GLN B 76 31.72 -0.79 7.02
CA GLN B 76 31.85 0.48 7.71
C GLN B 76 31.13 0.43 9.06
N VAL B 77 30.00 -0.26 9.12
CA VAL B 77 29.25 -0.34 10.38
C VAL B 77 30.07 -1.14 11.39
N LYS B 78 30.64 -2.26 10.95
CA LYS B 78 31.55 -3.05 11.81
C LYS B 78 32.75 -2.28 12.31
N LEU B 79 33.33 -1.45 11.45
CA LEU B 79 34.52 -0.66 11.79
C LEU B 79 34.14 0.56 12.60
N GLY B 80 32.84 0.77 12.79
CA GLY B 80 32.33 1.88 13.58
C GLY B 80 32.15 3.20 12.82
N ALA B 81 32.52 3.22 11.53
CA ALA B 81 32.52 4.45 10.74
C ALA B 81 31.11 4.85 10.27
N LEU B 82 30.14 3.94 10.40
CA LEU B 82 28.76 4.17 9.97
C LEU B 82 27.84 3.64 11.08
N ASP B 83 26.80 4.40 11.43
CA ASP B 83 25.99 4.10 12.64
C ASP B 83 24.91 3.04 12.39
N PHE B 84 24.14 3.22 11.32
CA PHE B 84 23.05 2.31 10.95
C PHE B 84 23.20 1.83 9.51
N ILE B 85 22.58 0.69 9.20
CA ILE B 85 22.49 0.21 7.82
C ILE B 85 21.21 -0.58 7.62
N ARG B 86 20.64 -0.43 6.42
CA ARG B 86 19.49 -1.19 5.97
C ARG B 86 20.02 -1.99 4.80
N ILE B 87 20.10 -3.32 4.99
CA ILE B 87 20.82 -4.22 4.07
C ILE B 87 20.01 -5.50 3.84
N ASN B 88 20.17 -6.11 2.67
CA ASN B 88 19.53 -7.40 2.41
C ASN B 88 20.27 -8.52 3.11
N SER B 89 19.51 -9.45 3.67
CA SER B 89 20.10 -10.63 4.30
C SER B 89 20.99 -11.43 3.36
N GLY B 90 20.75 -11.31 2.05
CA GLY B 90 21.54 -12.01 1.05
C GLY B 90 22.95 -11.48 0.85
N THR B 91 23.29 -10.36 1.47
CA THR B 91 24.68 -9.91 1.58
C THR B 91 25.15 -9.92 3.05
N LEU B 92 24.25 -9.66 3.98
CA LEU B 92 24.61 -9.70 5.40
C LEU B 92 25.05 -11.09 5.84
N ASN B 93 24.58 -12.13 5.15
CA ASN B 93 24.93 -13.49 5.54
C ASN B 93 26.43 -13.77 5.41
N THR B 94 27.15 -12.92 4.69
CA THR B 94 28.60 -13.04 4.61
C THR B 94 29.28 -12.72 5.94
N VAL B 95 28.56 -11.98 6.80
CA VAL B 95 29.06 -11.64 8.11
C VAL B 95 28.38 -12.46 9.21
N CYS B 96 27.05 -12.52 9.17
CA CYS B 96 26.24 -13.22 10.18
C CYS B 96 25.67 -14.52 9.60
N PRO B 97 26.21 -15.68 9.98
CA PRO B 97 25.84 -16.96 9.37
C PRO B 97 24.38 -17.35 9.50
N ALA B 98 23.73 -16.93 10.58
CA ALA B 98 22.32 -17.23 10.77
C ALA B 98 21.46 -16.56 9.69
N THR B 100 21.92 -16.60 6.61
CA THR B 100 21.76 -17.49 5.47
C THR B 100 20.41 -18.19 5.50
N VAL B 101 19.90 -18.49 6.70
CA VAL B 101 18.68 -19.29 6.81
C VAL B 101 17.49 -18.68 6.03
N PRO B 102 17.13 -17.40 6.29
CA PRO B 102 15.96 -16.84 5.58
C PRO B 102 16.21 -16.51 4.11
N VAL B 103 17.46 -16.61 3.65
CA VAL B 103 17.78 -16.42 2.25
C VAL B 103 17.46 -17.68 1.42
N LEU B 104 17.41 -18.84 2.07
CA LEU B 104 17.34 -20.12 1.37
C LEU B 104 16.15 -20.23 0.43
N PRO B 105 16.39 -20.81 -0.76
CA PRO B 105 15.34 -20.83 -1.78
C PRO B 105 14.19 -21.74 -1.39
N PHE B 106 12.98 -21.23 -1.59
CA PHE B 106 11.76 -22.01 -1.37
C PHE B 106 11.56 -22.45 0.09
N LEU B 107 12.12 -21.71 1.04
CA LEU B 107 11.98 -22.06 2.45
C LEU B 107 10.63 -21.67 3.00
N PHE B 108 10.14 -20.49 2.62
CA PHE B 108 8.84 -19.98 3.07
C PHE B 108 7.74 -20.32 2.05
N ARG B 109 6.57 -20.72 2.56
CA ARG B 109 5.40 -21.06 1.75
C ARG B 109 4.85 -19.84 1.04
N ASP B 110 4.82 -18.73 1.75
CA ASP B 110 4.26 -17.50 1.23
C ASP B 110 4.63 -16.36 2.16
N LYS B 111 4.19 -15.16 1.77
CA LYS B 111 4.48 -13.96 2.52
C LYS B 111 3.98 -14.04 3.98
N ALA B 112 2.78 -14.60 4.19
CA ALA B 112 2.23 -14.69 5.54
C ALA B 112 3.08 -15.55 6.45
N HIS B 113 3.58 -16.66 5.93
CA HIS B 113 4.47 -17.56 6.67
C HIS B 113 5.78 -16.84 7.05
N ARG B 115 6.30 -13.56 7.33
CA ARG B 115 6.04 -12.53 8.31
C ARG B 115 5.84 -13.08 9.70
N ALA B 116 5.15 -14.21 9.80
CA ALA B 116 4.90 -14.82 11.10
C ALA B 116 6.23 -15.29 11.70
N VAL B 117 7.05 -15.94 10.88
CA VAL B 117 8.36 -16.39 11.35
C VAL B 117 9.24 -15.23 11.79
N LEU B 118 9.38 -14.21 10.95
CA LEU B 118 10.31 -13.12 11.25
C LEU B 118 9.83 -12.28 12.44
N ASP B 119 8.52 -12.16 12.61
CA ASP B 119 8.01 -11.36 13.71
C ASP B 119 8.12 -12.11 15.03
N GLY B 120 8.22 -13.44 14.97
CA GLY B 120 8.13 -14.29 16.15
C GLY B 120 9.48 -14.62 16.76
N PRO B 121 9.54 -15.65 17.61
CA PRO B 121 10.76 -15.95 18.35
C PRO B 121 11.90 -16.36 17.45
N ILE B 122 11.59 -16.95 16.30
CA ILE B 122 12.64 -17.38 15.36
C ILE B 122 13.35 -16.15 14.78
N GLY B 123 12.58 -15.16 14.36
CA GLY B 123 13.16 -13.90 13.90
C GLY B 123 14.00 -13.25 15.00
N ASP B 124 13.52 -13.31 16.24
CA ASP B 124 14.28 -12.69 17.30
C ASP B 124 15.60 -13.44 17.52
N GLU B 125 15.59 -14.77 17.36
CA GLU B 125 16.81 -15.58 17.45
C GLU B 125 17.81 -15.18 16.38
N ILE B 126 17.33 -15.04 15.14
CA ILE B 126 18.21 -14.67 14.03
C ILE B 126 18.85 -13.28 14.27
N LEU B 127 18.03 -12.28 14.64
CA LEU B 127 18.55 -10.93 14.89
C LEU B 127 19.59 -10.92 16.00
N ALA B 128 19.39 -11.75 17.03
CA ALA B 128 20.31 -11.82 18.16
C ALA B 128 21.71 -12.33 17.77
N ASP B 129 21.78 -13.09 16.68
CA ASP B 129 23.02 -13.70 16.19
C ASP B 129 24.03 -12.67 15.74
N CYS B 130 23.56 -11.47 15.38
CA CYS B 130 24.44 -10.43 14.87
C CYS B 130 25.39 -9.89 15.93
N ALA B 131 25.01 -10.03 17.19
CA ALA B 131 25.68 -9.33 18.30
C ALA B 131 27.16 -9.68 18.45
N SER B 132 27.52 -10.93 18.19
CA SER B 132 28.90 -11.32 18.38
C SER B 132 29.79 -10.65 17.33
N HIS B 133 29.17 -10.13 16.28
CA HIS B 133 29.90 -9.50 15.18
C HIS B 133 30.00 -7.97 15.22
N GLY B 134 29.63 -7.34 16.33
CA GLY B 134 29.73 -5.89 16.45
C GLY B 134 28.53 -5.14 15.94
N LEU B 135 27.42 -5.87 15.74
CA LEU B 135 26.19 -5.32 15.19
C LEU B 135 25.03 -5.68 16.10
N VAL B 136 24.05 -4.80 16.20
CA VAL B 136 22.80 -5.11 16.87
C VAL B 136 21.67 -5.15 15.82
N GLY B 137 21.05 -6.31 15.65
CA GLY B 137 19.95 -6.44 14.71
C GLY B 137 18.68 -5.90 15.34
N LEU B 138 18.03 -4.95 14.65
CA LEU B 138 16.86 -4.26 15.21
C LEU B 138 15.52 -4.67 14.60
N ALA B 139 15.49 -5.01 13.32
CA ALA B 139 14.24 -5.32 12.66
C ALA B 139 14.48 -6.01 11.34
N PHE B 140 13.50 -6.81 10.90
CA PHE B 140 13.42 -7.28 9.51
C PHE B 140 12.41 -6.47 8.73
N TYR B 141 12.74 -6.08 7.52
CA TYR B 141 11.80 -5.49 6.57
C TYR B 141 11.51 -6.46 5.42
N ASP B 142 10.29 -6.42 4.91
CA ASP B 142 9.92 -7.22 3.75
C ASP B 142 10.71 -6.91 2.49
N SER B 143 10.92 -7.93 1.66
CA SER B 143 11.53 -7.73 0.36
C SER B 143 10.85 -8.60 -0.71
N GLY B 144 9.63 -9.03 -0.44
CA GLY B 144 8.89 -9.83 -1.41
C GLY B 144 9.62 -11.11 -1.78
N ALA B 145 9.36 -11.61 -2.99
CA ALA B 145 10.09 -12.75 -3.53
C ALA B 145 10.91 -12.30 -4.74
N ARG B 146 12.13 -12.80 -4.84
CA ARG B 146 13.01 -12.47 -5.95
C ARG B 146 12.71 -13.38 -7.13
N SER B 147 12.64 -12.79 -8.32
CA SER B 147 12.39 -13.51 -9.57
C SER B 147 13.35 -13.08 -10.67
N PHE B 148 13.62 -13.96 -11.62
CA PHE B 148 14.53 -13.66 -12.73
C PHE B 148 13.90 -12.72 -13.73
N TYR B 149 14.74 -11.84 -14.25
CA TYR B 149 14.37 -11.06 -15.43
C TYR B 149 15.55 -10.98 -16.37
N ALA B 150 15.28 -10.90 -17.67
CA ALA B 150 16.34 -10.92 -18.66
C ALA B 150 15.93 -10.22 -19.95
N THR B 151 16.91 -10.05 -20.84
CA THR B 151 16.68 -9.46 -22.16
C THR B 151 16.01 -10.43 -23.14
N THR B 152 15.92 -11.69 -22.76
CA THR B 152 15.14 -12.67 -23.53
C THR B 152 14.25 -13.43 -22.56
N PRO B 153 13.19 -14.05 -23.08
CA PRO B 153 12.23 -14.64 -22.12
C PRO B 153 12.74 -15.93 -21.49
N ILE B 154 12.75 -15.96 -20.17
CA ILE B 154 13.05 -17.21 -19.45
C ILE B 154 11.72 -17.91 -19.14
N ARG B 155 11.37 -18.92 -19.93
CA ARG B 155 10.03 -19.52 -19.83
C ARG B 155 10.04 -20.85 -19.08
N LYS B 156 11.23 -21.41 -18.93
CA LYS B 156 11.43 -22.61 -18.15
C LYS B 156 12.92 -22.71 -17.77
N LEU B 157 13.23 -23.66 -16.89
CA LEU B 157 14.56 -23.76 -16.30
C LEU B 157 15.68 -23.85 -17.35
N GLU B 158 15.42 -24.56 -18.44
CA GLU B 158 16.46 -24.76 -19.43
C GLU B 158 16.86 -23.46 -20.14
N ASP B 159 15.98 -22.45 -20.15
CA ASP B 159 16.29 -21.17 -20.80
C ASP B 159 17.38 -20.38 -20.09
N LEU B 160 17.67 -20.73 -18.83
CA LEU B 160 18.73 -20.06 -18.09
C LEU B 160 20.13 -20.50 -18.50
N LYS B 161 20.22 -21.59 -19.25
CA LYS B 161 21.51 -22.20 -19.50
C LYS B 161 22.48 -21.24 -20.17
N GLY B 162 23.61 -21.01 -19.52
CA GLY B 162 24.66 -20.16 -20.06
C GLY B 162 24.40 -18.67 -19.97
N LYS B 163 23.29 -18.25 -19.36
CA LYS B 163 22.96 -16.83 -19.28
C LYS B 163 23.82 -16.18 -18.21
N LYS B 164 24.27 -14.97 -18.47
CA LYS B 164 25.00 -14.17 -17.48
C LYS B 164 24.02 -13.41 -16.61
N ILE B 165 23.83 -13.93 -15.40
CA ILE B 165 22.85 -13.35 -14.49
C ILE B 165 23.56 -12.70 -13.31
N ARG B 166 23.30 -11.41 -13.12
CA ARG B 166 23.89 -10.70 -12.00
C ARG B 166 23.28 -11.22 -10.69
N VAL B 167 24.12 -11.35 -9.67
CA VAL B 167 23.69 -11.66 -8.30
C VAL B 167 24.39 -10.73 -7.32
N GLN B 168 23.89 -10.71 -6.08
CA GLN B 168 24.54 -10.02 -4.97
C GLN B 168 25.94 -10.59 -4.72
N GLN B 169 26.78 -9.81 -4.04
CA GLN B 169 28.15 -10.19 -3.72
C GLN B 169 28.21 -11.08 -2.49
N SER B 170 27.73 -12.31 -2.67
CA SER B 170 27.69 -13.31 -1.61
C SER B 170 27.70 -14.70 -2.26
N ASP B 171 28.53 -15.59 -1.74
CA ASP B 171 28.80 -16.88 -2.38
C ASP B 171 27.57 -17.75 -2.65
N ILE B 172 26.58 -17.72 -1.75
CA ILE B 172 25.40 -18.57 -1.91
C ILE B 172 24.71 -18.36 -3.25
N TRP B 173 24.69 -17.11 -3.75
CA TRP B 173 24.02 -16.83 -5.02
C TRP B 173 24.82 -17.36 -6.23
N VAL B 174 26.13 -17.37 -6.12
CA VAL B 174 26.97 -17.90 -7.18
C VAL B 174 26.74 -19.40 -7.29
N SER B 175 26.71 -20.07 -6.15
CA SER B 175 26.40 -21.49 -6.09
C SER B 175 25.01 -21.77 -6.61
N LYS B 178 24.92 -21.66 -10.46
CA LYS B 178 25.60 -22.80 -11.05
C LYS B 178 24.66 -24.01 -11.06
N LEU B 179 23.96 -24.21 -9.95
CA LEU B 179 22.99 -25.29 -9.87
C LEU B 179 21.87 -25.13 -10.90
N LEU B 180 21.56 -23.88 -11.24
CA LEU B 180 20.50 -23.62 -12.23
C LEU B 180 21.03 -23.54 -13.67
N GLY B 181 22.32 -23.82 -13.86
CA GLY B 181 22.91 -23.84 -15.18
C GLY B 181 23.30 -22.47 -15.75
N ALA B 182 23.17 -21.42 -14.93
CA ALA B 182 23.50 -20.06 -15.37
C ALA B 182 24.91 -19.67 -14.94
N ASN B 183 25.39 -18.55 -15.48
CA ASN B 183 26.70 -18.00 -15.12
C ASN B 183 26.53 -16.78 -14.21
N ALA B 184 26.91 -16.89 -12.95
CA ALA B 184 26.71 -15.80 -11.98
C ALA B 184 27.70 -14.66 -12.19
N THR B 185 27.22 -13.43 -12.04
CA THR B 185 28.07 -12.26 -12.21
C THR B 185 27.79 -11.35 -11.03
N PRO B 186 28.55 -11.50 -9.94
CA PRO B 186 28.33 -10.68 -8.76
C PRO B 186 28.71 -9.22 -9.02
N PRO B 188 27.75 -4.99 -7.34
CA PRO B 188 26.94 -4.12 -6.47
C PRO B 188 25.64 -3.68 -7.14
N ALA B 189 24.61 -3.43 -6.33
CA ALA B 189 23.30 -3.02 -6.80
C ALA B 189 23.34 -1.82 -7.76
N GLY B 190 24.14 -0.82 -7.41
CA GLY B 190 24.20 0.40 -8.19
C GLY B 190 24.72 0.28 -9.61
N GLU B 191 25.37 -0.85 -9.91
CA GLU B 191 25.98 -1.05 -11.24
C GLU B 191 25.13 -1.90 -12.18
N VAL B 192 24.04 -2.46 -11.69
CA VAL B 192 23.28 -3.44 -12.46
C VAL B 192 22.57 -2.81 -13.68
N PHE B 193 21.96 -1.66 -13.51
CA PHE B 193 21.27 -0.99 -14.62
C PHE B 193 22.21 -0.77 -15.79
N THR B 194 23.37 -0.19 -15.50
CA THR B 194 24.39 0.03 -16.51
C THR B 194 24.86 -1.26 -17.15
N GLY B 195 25.03 -2.30 -16.35
CA GLY B 195 25.41 -3.61 -16.86
C GLY B 195 24.42 -4.14 -17.88
N LEU B 196 23.13 -3.99 -17.58
CA LEU B 196 22.10 -4.47 -18.51
C LEU B 196 22.11 -3.61 -19.78
N LYS B 197 22.21 -2.29 -19.62
CA LYS B 197 22.18 -1.41 -20.80
C LYS B 197 23.36 -1.63 -21.73
N SER B 198 24.51 -1.89 -21.16
CA SER B 198 25.74 -2.00 -21.94
C SER B 198 26.03 -3.45 -22.37
N GLY B 199 25.14 -4.39 -22.04
CA GLY B 199 25.29 -5.78 -22.45
C GLY B 199 26.28 -6.62 -21.64
N LEU B 200 26.78 -6.07 -20.53
CA LEU B 200 27.67 -6.81 -19.62
C LEU B 200 26.99 -8.07 -19.07
N ILE B 201 25.68 -7.97 -18.82
CA ILE B 201 24.89 -9.06 -18.26
C ILE B 201 23.59 -9.21 -19.05
N ASP B 202 23.04 -10.42 -19.07
CA ASP B 202 21.81 -10.74 -19.80
C ASP B 202 20.59 -10.54 -18.90
N GLY B 203 20.78 -10.63 -17.59
CA GLY B 203 19.66 -10.46 -16.66
C GLY B 203 20.13 -10.41 -15.21
N ALA B 204 19.15 -10.53 -14.32
CA ALA B 204 19.37 -10.40 -12.87
C ALA B 204 18.14 -10.97 -12.20
N GLU B 205 18.01 -10.80 -10.88
CA GLU B 205 16.83 -11.32 -10.19
C GLU B 205 16.52 -10.42 -9.01
N ASN B 206 15.23 -10.18 -8.78
CA ASN B 206 14.83 -9.27 -7.72
C ASN B 206 13.32 -9.22 -7.60
N ASN B 207 12.85 -8.49 -6.58
CA ASN B 207 11.43 -8.26 -6.38
C ASN B 207 10.87 -7.19 -7.35
N TRP B 208 9.55 -7.05 -7.34
CA TRP B 208 8.91 -6.11 -8.23
C TRP B 208 9.37 -4.64 -8.01
N PRO B 209 9.37 -4.16 -6.75
CA PRO B 209 9.74 -2.75 -6.55
C PRO B 209 11.18 -2.43 -6.96
N SER B 210 12.11 -3.39 -6.84
CA SER B 210 13.49 -3.15 -7.27
C SER B 210 13.62 -3.17 -8.78
N TYR B 211 12.96 -4.14 -9.43
CA TYR B 211 12.92 -4.21 -10.88
C TYR B 211 12.46 -2.89 -11.50
N ASP B 212 11.43 -2.28 -10.90
CA ASP B 212 10.91 -0.97 -11.26
C ASP B 212 11.89 0.14 -10.91
N ASN B 213 12.20 0.29 -9.62
CA ASN B 213 12.85 1.51 -9.15
C ASN B 213 14.35 1.65 -9.47
N PHE B 214 15.03 0.54 -9.79
CA PHE B 214 16.37 0.59 -10.34
C PHE B 214 16.34 0.77 -11.87
N HIS B 215 15.14 0.78 -12.44
CA HIS B 215 14.91 0.96 -13.88
C HIS B 215 15.34 -0.22 -14.73
N HIS B 216 15.54 -1.39 -14.11
CA HIS B 216 15.99 -2.56 -14.84
C HIS B 216 15.05 -2.99 -15.96
N TYR B 217 13.75 -2.77 -15.75
CA TYR B 217 12.73 -3.16 -16.72
C TYR B 217 12.91 -2.43 -18.06
N GLU B 218 13.65 -1.32 -18.07
CA GLU B 218 13.83 -0.57 -19.32
C GLU B 218 14.73 -1.33 -20.25
N ALA B 219 15.62 -2.13 -19.69
CA ALA B 219 16.60 -2.91 -20.43
C ALA B 219 16.28 -4.42 -20.55
N ALA B 220 15.65 -4.99 -19.52
CA ALA B 220 15.34 -6.42 -19.47
C ALA B 220 13.84 -6.56 -19.28
N LYS B 221 13.13 -6.75 -20.39
CA LYS B 221 11.67 -6.59 -20.44
C LYS B 221 10.90 -7.89 -20.19
N ASN B 222 11.59 -8.93 -19.73
CA ASN B 222 10.98 -10.22 -19.45
C ASN B 222 11.14 -10.61 -17.99
N TYR B 223 10.02 -10.65 -17.26
CA TYR B 223 10.06 -10.89 -15.83
C TYR B 223 9.35 -12.21 -15.55
N SER B 224 10.11 -13.20 -15.07
CA SER B 224 9.60 -14.56 -14.90
C SER B 224 9.50 -14.95 -13.43
N LEU B 225 8.29 -15.34 -13.04
CA LEU B 225 7.94 -15.53 -11.63
C LEU B 225 8.46 -16.85 -11.02
N SER B 226 9.78 -16.97 -10.97
CA SER B 226 10.47 -18.05 -10.26
C SER B 226 10.32 -17.99 -8.75
N GLU B 227 10.24 -16.78 -8.20
CA GLU B 227 10.04 -16.58 -6.77
C GLU B 227 10.96 -17.50 -5.95
N HIS B 228 12.25 -17.43 -6.26
CA HIS B 228 13.21 -18.39 -5.78
C HIS B 228 13.88 -18.09 -4.45
N SER B 229 13.65 -16.91 -3.88
CA SER B 229 14.10 -16.59 -2.55
C SER B 229 13.23 -15.48 -2.02
N ALA B 231 14.64 -13.69 0.66
CA ALA B 231 15.63 -13.00 1.50
C ALA B 231 15.12 -11.65 2.00
N PRO B 232 14.94 -11.52 3.33
CA PRO B 232 14.40 -10.24 3.82
C PRO B 232 15.47 -9.19 4.05
N GLU B 233 15.04 -7.96 4.32
CA GLU B 233 15.96 -6.89 4.70
C GLU B 233 16.17 -6.90 6.22
N VAL B 234 17.28 -6.31 6.63
CA VAL B 234 17.63 -6.16 8.04
C VAL B 234 18.05 -4.73 8.29
N LEU B 235 17.54 -4.19 9.37
CA LEU B 235 18.01 -2.92 9.91
C LEU B 235 18.89 -3.18 11.12
N LEU B 236 20.12 -2.67 11.07
CA LEU B 236 21.05 -2.86 12.18
C LEU B 236 21.70 -1.54 12.60
N ILE B 237 22.20 -1.55 13.83
CA ILE B 237 22.99 -0.46 14.36
C ILE B 237 24.35 -1.02 14.83
N SER B 238 25.38 -0.21 14.72
CA SER B 238 26.67 -0.53 15.29
C SER B 238 26.53 -0.77 16.79
N LYS B 239 27.06 -1.88 17.30
CA LYS B 239 26.97 -2.14 18.73
C LYS B 239 27.68 -1.09 19.59
N ARG B 240 28.79 -0.57 19.11
CA ARG B 240 29.49 0.53 19.80
C ARG B 240 28.55 1.72 20.03
N VAL B 241 27.84 2.10 18.98
CA VAL B 241 26.91 3.22 19.08
C VAL B 241 25.74 2.89 20.02
N PHE B 242 25.17 1.69 19.87
CA PHE B 242 24.03 1.28 20.68
C PHE B 242 24.38 1.27 22.17
N ASP B 243 25.57 0.81 22.49
CA ASP B 243 26.02 0.76 23.87
C ASP B 243 26.31 2.15 24.46
N SER B 244 26.46 3.15 23.60
CA SER B 244 26.61 4.55 24.05
C SER B 244 25.28 5.18 24.51
N PHE B 245 24.16 4.53 24.17
CA PHE B 245 22.84 5.02 24.55
C PHE B 245 22.50 4.61 25.98
N THR B 246 21.68 5.41 26.64
CA THR B 246 21.17 5.06 27.96
C THR B 246 20.19 3.90 27.81
N PRO B 247 19.88 3.20 28.92
CA PRO B 247 18.88 2.12 28.84
C PRO B 247 17.55 2.60 28.25
N GLU B 248 17.15 3.81 28.61
CA GLU B 248 15.87 4.36 28.15
C GLU B 248 15.89 4.59 26.64
N GLU B 249 17.00 5.12 26.15
CA GLU B 249 17.22 5.31 24.70
C GLU B 249 17.29 3.96 23.97
N GLN B 250 17.92 2.96 24.59
CA GLN B 250 17.97 1.63 23.96
C GLN B 250 16.59 1.07 23.77
N VAL B 251 15.73 1.23 24.78
CA VAL B 251 14.34 0.80 24.63
C VAL B 251 13.65 1.59 23.51
N GLN B 252 13.85 2.90 23.50
CA GLN B 252 13.22 3.74 22.46
C GLN B 252 13.65 3.34 21.05
N VAL B 253 14.95 3.11 20.84
CA VAL B 253 15.47 2.69 19.56
C VAL B 253 14.92 1.31 19.14
N ARG B 254 14.95 0.35 20.04
CA ARG B 254 14.36 -0.95 19.71
C ARG B 254 12.88 -0.86 19.35
N LYS B 255 12.11 -0.10 20.12
CA LYS B 255 10.69 0.06 19.88
C LYS B 255 10.39 0.75 18.57
N ALA B 256 11.15 1.82 18.28
CA ALA B 256 10.92 2.57 17.05
C ALA B 256 11.25 1.70 15.83
N ALA B 257 12.28 0.86 15.95
CA ALA B 257 12.60 -0.06 14.86
C ALA B 257 11.45 -1.04 14.63
N LYS B 258 10.98 -1.69 15.69
CA LYS B 258 9.89 -2.66 15.54
C LYS B 258 8.62 -2.00 14.99
N ASN B 259 8.31 -0.79 15.45
CA ASN B 259 7.14 -0.07 14.94
C ASN B 259 7.24 0.21 13.45
N SER B 260 8.46 0.47 12.98
CA SER B 260 8.68 0.81 11.59
C SER B 260 8.44 -0.38 10.66
N VAL B 261 8.41 -1.60 11.22
CA VAL B 261 8.15 -2.81 10.40
C VAL B 261 6.71 -2.79 9.86
N GLY B 262 5.74 -2.52 10.73
CA GLY B 262 4.35 -2.46 10.32
C GLY B 262 4.12 -1.33 9.33
N TYR B 263 4.75 -0.19 9.57
CA TYR B 263 4.67 0.96 8.67
C TYR B 263 5.21 0.56 7.29
N ARG B 265 5.60 -2.35 5.92
CA ARG B 265 4.83 -3.37 5.22
C ARG B 265 3.64 -2.79 4.49
N GLN B 266 3.02 -1.78 5.07
CA GLN B 266 1.87 -1.13 4.39
C GLN B 266 2.37 -0.50 3.08
N LEU B 267 3.47 0.23 3.15
CA LEU B 267 4.04 0.82 1.96
C LEU B 267 4.51 -0.22 0.95
N TRP B 268 5.11 -1.30 1.44
CA TRP B 268 5.65 -2.36 0.58
C TRP B 268 4.57 -3.06 -0.24
N ASP B 269 3.49 -3.46 0.43
CA ASP B 269 2.43 -4.19 -0.24
C ASP B 269 1.84 -3.36 -1.39
N ALA B 270 1.72 -2.06 -1.17
CA ALA B 270 1.26 -1.17 -2.20
C ALA B 270 2.26 -1.02 -3.33
N GLU B 272 4.59 -3.15 -4.35
CA GLU B 272 4.62 -4.34 -5.20
C GLU B 272 3.56 -4.25 -6.30
N ILE B 273 2.38 -3.79 -5.93
CA ILE B 273 1.26 -3.63 -6.86
C ILE B 273 1.52 -2.50 -7.86
N SER B 274 1.91 -1.33 -7.36
CA SER B 274 2.17 -0.18 -8.21
C SER B 274 3.30 -0.45 -9.19
N SER B 275 4.36 -1.10 -8.70
CA SER B 275 5.53 -1.39 -9.54
C SER B 275 5.20 -2.37 -10.67
N ARG B 276 4.48 -3.43 -10.34
CA ARG B 276 4.05 -4.38 -11.38
C ARG B 276 3.20 -3.65 -12.43
N GLU B 277 2.24 -2.82 -12.00
CA GLU B 277 1.37 -2.13 -12.96
C GLU B 277 2.20 -1.23 -13.89
N LYS B 278 3.15 -0.52 -13.30
CA LYS B 278 4.00 0.41 -14.03
C LYS B 278 4.84 -0.28 -15.08
N VAL B 279 5.48 -1.39 -14.72
CA VAL B 279 6.34 -2.07 -15.70
C VAL B 279 5.52 -2.79 -16.76
N GLU B 280 4.34 -3.30 -16.40
CA GLU B 280 3.47 -3.88 -17.42
C GLU B 280 3.01 -2.83 -18.44
N LYS B 281 2.70 -1.63 -17.96
CA LYS B 281 2.21 -0.57 -18.83
C LYS B 281 3.32 -0.19 -19.81
N ALA B 282 4.56 -0.37 -19.38
CA ALA B 282 5.74 -0.08 -20.20
C ALA B 282 6.12 -1.21 -21.14
N GLY B 283 5.37 -2.30 -21.08
CA GLY B 283 5.48 -3.35 -22.07
C GLY B 283 6.21 -4.61 -21.64
N VAL B 284 6.46 -4.77 -20.35
CA VAL B 284 7.12 -5.95 -19.85
C VAL B 284 6.21 -7.15 -20.05
N GLU B 285 6.78 -8.29 -20.41
CA GLU B 285 6.06 -9.56 -20.40
C GLU B 285 6.26 -10.27 -19.08
N VAL B 286 5.16 -10.61 -18.44
CA VAL B 286 5.20 -11.30 -17.15
C VAL B 286 4.95 -12.76 -17.45
N ILE B 287 5.90 -13.57 -17.04
CA ILE B 287 5.96 -14.96 -17.45
C ILE B 287 5.77 -15.88 -16.25
N THR B 288 4.83 -16.81 -16.37
CA THR B 288 4.66 -17.80 -15.31
C THR B 288 5.69 -18.90 -15.47
N ILE B 289 5.98 -19.57 -14.36
CA ILE B 289 7.07 -20.56 -14.32
C ILE B 289 6.63 -21.79 -13.54
N ASP B 290 6.94 -22.96 -14.07
CA ASP B 290 6.83 -24.17 -13.28
C ASP B 290 8.02 -24.21 -12.29
N LYS B 291 7.74 -23.96 -11.02
CA LYS B 291 8.83 -23.84 -10.05
C LYS B 291 9.45 -25.18 -9.65
N ALA B 292 8.79 -26.28 -9.97
CA ALA B 292 9.22 -27.61 -9.49
C ALA B 292 10.67 -27.94 -9.83
N PRO B 293 11.08 -27.78 -11.10
CA PRO B 293 12.47 -28.05 -11.49
C PRO B 293 13.48 -27.09 -10.85
N PHE B 294 13.07 -25.85 -10.58
CA PHE B 294 13.92 -24.88 -9.91
C PHE B 294 14.17 -25.35 -8.48
N GLN B 295 13.11 -25.79 -7.80
CA GLN B 295 13.26 -26.25 -6.43
C GLN B 295 14.17 -27.48 -6.35
N ALA B 296 13.98 -28.42 -7.27
CA ALA B 296 14.79 -29.64 -7.28
C ALA B 296 16.27 -29.34 -7.49
N ALA B 297 16.55 -28.40 -8.39
CA ALA B 297 17.93 -28.05 -8.71
C ALA B 297 18.70 -27.37 -7.57
N VAL B 298 18.02 -26.52 -6.79
CA VAL B 298 18.75 -25.75 -5.78
C VAL B 298 18.77 -26.41 -4.41
N GLN B 299 18.15 -27.58 -4.26
CA GLN B 299 18.05 -28.20 -2.95
C GLN B 299 19.40 -28.47 -2.25
N PRO B 300 20.44 -28.84 -3.02
CA PRO B 300 21.79 -29.04 -2.45
C PRO B 300 22.35 -27.85 -1.67
N LEU B 301 21.83 -26.66 -1.92
CA LEU B 301 22.30 -25.46 -1.27
C LEU B 301 22.12 -25.51 0.24
N TYR B 302 21.05 -26.18 0.68
CA TYR B 302 20.73 -26.22 2.10
C TYR B 302 21.86 -26.85 2.92
N ASP B 303 22.29 -28.04 2.53
CA ASP B 303 23.33 -28.73 3.29
C ASP B 303 24.71 -28.14 3.02
N GLN B 304 24.86 -27.49 1.88
CA GLN B 304 26.14 -26.87 1.52
C GLN B 304 26.42 -25.61 2.33
N PHE B 305 25.39 -24.79 2.56
CA PHE B 305 25.60 -23.49 3.20
C PHE B 305 25.19 -23.43 4.67
N VAL B 306 24.36 -24.36 5.11
CA VAL B 306 23.96 -24.41 6.50
C VAL B 306 24.43 -25.74 7.12
N THR B 307 25.48 -25.65 7.94
CA THR B 307 26.12 -26.81 8.54
C THR B 307 25.98 -26.84 10.07
N ASP B 308 25.74 -25.69 10.68
CA ASP B 308 25.60 -25.57 12.14
C ASP B 308 24.34 -26.33 12.62
N PRO B 309 24.50 -27.29 13.56
CA PRO B 309 23.29 -28.02 13.99
C PRO B 309 22.14 -27.14 14.49
N LYS B 310 22.45 -26.04 15.16
CA LYS B 310 21.40 -25.17 15.66
C LYS B 310 20.63 -24.52 14.51
N LEU B 311 21.34 -24.17 13.43
CA LEU B 311 20.69 -23.56 12.28
C LEU B 311 19.92 -24.59 11.43
N LYS B 312 20.38 -25.84 11.41
CA LYS B 312 19.61 -26.88 10.73
C LYS B 312 18.29 -27.10 11.48
N ASP B 313 18.36 -27.05 12.80
CA ASP B 313 17.16 -27.23 13.59
C ASP B 313 16.22 -26.04 13.35
N ILE B 315 15.83 -24.42 10.62
CA ILE B 315 15.18 -24.66 9.32
C ILE B 315 13.98 -25.59 9.50
N THR B 316 14.18 -26.65 10.28
CA THR B 316 13.08 -27.56 10.61
C THR B 316 11.93 -26.83 11.29
N ARG B 317 12.25 -26.00 12.28
CA ARG B 317 11.21 -25.25 12.96
C ARG B 317 10.49 -24.25 12.06
N ILE B 318 11.22 -23.64 11.13
CA ILE B 318 10.58 -22.70 10.19
C ILE B 318 9.59 -23.46 9.32
N LYS B 319 9.99 -24.62 8.81
CA LYS B 319 9.11 -25.37 7.94
C LYS B 319 7.82 -25.79 8.67
N ALA B 320 7.92 -25.99 9.97
CA ALA B 320 6.78 -26.46 10.77
C ALA B 320 5.89 -25.31 11.30
N ALA B 321 6.36 -24.07 11.18
CA ALA B 321 5.68 -22.92 11.76
C ALA B 321 4.45 -22.56 10.97
N GLN B 322 3.41 -22.11 11.68
CA GLN B 322 2.19 -21.58 11.10
C GLN B 322 2.42 -20.20 10.46
#